data_2K7F
#
_entry.id   2K7F
#
_cell.length_a   1.000
_cell.length_b   1.000
_cell.length_c   1.000
_cell.angle_alpha   90.00
_cell.angle_beta   90.00
_cell.angle_gamma   90.00
#
_symmetry.space_group_name_H-M   'P 1'
#
loop_
_entity.id
_entity.type
_entity.pdbx_description
1 polymer 'Replication factor C subunit 1'
2 polymer "5'-D(P*DCP*DGP*DAP*DCP*DCP*DTP*DCP*DGP*DAP*DGP*DAP*DTP*DCP*DA)-3'"
3 polymer "5'-D(P*DCP*DTP*DCP*DGP*DAP*DGP*DGP*DTP*DCP*DG)-3'"
#
loop_
_entity_poly.entity_id
_entity_poly.type
_entity_poly.pdbx_seq_one_letter_code
_entity_poly.pdbx_strand_id
1 'polypeptide(L)'
;KRTNYQAYRSYLNREGPKALGSKEIPKGAENCLEGLIFVITGVLESIERDEAKSLIERYGGKVTGNVSKKTNYLVMGRDS
GQSKSDKAAALGTKIIDEDGLLNLIRNLE
;
A
2 'polydeoxyribonucleotide' (DC)(DG)(DA)(DC)(DC)(DT)(DC)(DG)(DA)(DG)(DA)(DT)(DC)(DA) B
3 'polydeoxyribonucleotide' (DC)(DT)(DC)(DG)(DA)(DG)(DG)(DT)(DC)(DG) C
#
# COMPACT_ATOMS: atom_id res chain seq x y z
N LYS A 1 -10.33 24.54 11.11
CA LYS A 1 -10.09 23.73 9.90
C LYS A 1 -10.48 22.27 10.13
N ARG A 2 -10.51 21.85 11.38
CA ARG A 2 -10.85 20.47 11.71
C ARG A 2 -12.35 20.33 11.95
N THR A 3 -12.90 19.21 11.52
CA THR A 3 -14.33 18.96 11.67
C THR A 3 -14.62 17.47 11.47
N ASN A 4 -15.89 17.10 11.54
CA ASN A 4 -16.31 15.71 11.36
C ASN A 4 -16.42 15.37 9.88
N TYR A 5 -15.32 15.59 9.16
CA TYR A 5 -15.29 15.32 7.72
C TYR A 5 -15.31 13.82 7.42
N GLN A 6 -15.00 13.01 8.41
CA GLN A 6 -14.98 11.57 8.24
C GLN A 6 -16.40 11.02 8.09
N ALA A 7 -17.39 11.83 8.44
CA ALA A 7 -18.77 11.42 8.38
C ALA A 7 -19.27 11.30 6.93
N TYR A 8 -19.01 12.32 6.11
CA TYR A 8 -19.47 12.31 4.73
C TYR A 8 -18.40 11.75 3.78
N ARG A 9 -17.27 11.33 4.35
CA ARG A 9 -16.18 10.80 3.55
C ARG A 9 -16.54 9.47 2.88
N SER A 10 -17.49 8.75 3.47
CA SER A 10 -17.92 7.47 2.91
C SER A 10 -18.44 7.67 1.49
N TYR A 11 -19.28 8.68 1.30
CA TYR A 11 -19.81 8.97 -0.02
C TYR A 11 -18.77 9.71 -0.86
N LEU A 12 -17.96 10.52 -0.19
CA LEU A 12 -16.93 11.33 -0.83
C LEU A 12 -15.87 10.51 -1.57
N ASN A 13 -15.13 9.69 -0.84
CA ASN A 13 -14.04 8.90 -1.42
C ASN A 13 -14.34 7.41 -1.39
N ARG A 14 -15.52 7.05 -0.87
CA ARG A 14 -15.95 5.66 -0.79
C ARG A 14 -15.02 4.84 0.12
N GLU A 15 -14.63 5.47 1.24
CA GLU A 15 -13.75 4.82 2.20
C GLU A 15 -14.55 4.00 3.21
N GLY A 16 -13.86 3.07 3.87
CA GLY A 16 -14.53 2.23 4.85
C GLY A 16 -14.08 0.78 4.78
N PRO A 17 -13.06 0.40 5.56
CA PRO A 17 -12.55 -0.97 5.59
C PRO A 17 -13.61 -1.95 6.09
N LYS A 18 -14.11 -2.79 5.17
CA LYS A 18 -15.14 -3.76 5.50
C LYS A 18 -14.56 -5.00 6.18
N ALA A 19 -13.71 -5.73 5.46
CA ALA A 19 -13.11 -6.94 6.00
C ALA A 19 -11.74 -6.66 6.59
N LEU A 20 -11.74 -5.92 7.70
CA LEU A 20 -10.50 -5.56 8.37
C LEU A 20 -10.19 -6.52 9.51
N GLY A 21 -9.11 -7.29 9.35
CA GLY A 21 -8.71 -8.23 10.37
C GLY A 21 -9.15 -9.64 10.08
N SER A 22 -9.52 -9.90 8.83
CA SER A 22 -9.97 -11.23 8.44
C SER A 22 -9.77 -11.45 6.94
N LYS A 23 -8.89 -10.67 6.34
CA LYS A 23 -8.61 -10.78 4.92
C LYS A 23 -7.14 -10.55 4.64
N GLU A 24 -6.59 -9.57 5.30
CA GLU A 24 -5.19 -9.20 5.15
C GLU A 24 -4.31 -9.96 6.12
N ILE A 25 -3.01 -9.68 6.04
CA ILE A 25 -2.00 -10.32 6.87
C ILE A 25 -1.97 -11.83 6.62
N PRO A 26 -1.23 -12.25 5.61
CA PRO A 26 -1.11 -13.66 5.24
C PRO A 26 -0.07 -14.41 6.07
N LYS A 27 0.14 -15.66 5.72
CA LYS A 27 1.10 -16.51 6.40
C LYS A 27 2.29 -16.81 5.48
N GLY A 28 2.57 -15.89 4.59
CA GLY A 28 3.65 -16.06 3.65
C GLY A 28 4.99 -15.83 4.30
N ALA A 29 6.03 -16.23 3.61
CA ALA A 29 7.40 -16.08 4.08
C ALA A 29 7.67 -14.64 4.52
N GLU A 30 8.15 -14.48 5.75
CA GLU A 30 8.43 -13.16 6.30
C GLU A 30 9.46 -12.41 5.45
N ASN A 31 10.28 -13.14 4.72
CA ASN A 31 11.32 -12.55 3.87
C ASN A 31 10.79 -12.12 2.51
N CYS A 32 9.51 -12.40 2.24
CA CYS A 32 8.88 -12.06 0.96
C CYS A 32 9.08 -10.60 0.56
N LEU A 33 8.61 -9.67 1.37
CA LEU A 33 8.72 -8.25 1.04
C LEU A 33 10.09 -7.71 1.42
N GLU A 34 10.90 -8.56 2.04
CA GLU A 34 12.24 -8.18 2.45
C GLU A 34 13.16 -8.07 1.24
N GLY A 35 13.31 -6.86 0.74
CA GLY A 35 14.17 -6.63 -0.42
C GLY A 35 13.90 -5.30 -1.08
N LEU A 36 12.64 -5.00 -1.35
CA LEU A 36 12.28 -3.75 -1.99
C LEU A 36 11.52 -2.85 -1.02
N ILE A 37 11.18 -1.65 -1.48
CA ILE A 37 10.45 -0.70 -0.65
C ILE A 37 9.00 -0.65 -1.09
N PHE A 38 8.09 -0.83 -0.16
CA PHE A 38 6.67 -0.83 -0.48
C PHE A 38 6.02 0.46 -0.01
N VAL A 39 5.54 1.25 -0.95
CA VAL A 39 4.90 2.50 -0.65
C VAL A 39 3.41 2.41 -0.96
N ILE A 40 2.59 2.56 0.08
CA ILE A 40 1.15 2.51 -0.08
C ILE A 40 0.56 3.90 0.09
N THR A 41 -0.17 4.36 -0.91
CA THR A 41 -0.76 5.68 -0.86
C THR A 41 -2.29 5.62 -0.99
N GLY A 42 -2.95 6.59 -0.38
CA GLY A 42 -4.40 6.67 -0.42
C GLY A 42 -5.07 5.57 0.37
N VAL A 43 -5.94 4.81 -0.30
CA VAL A 43 -6.67 3.73 0.32
C VAL A 43 -6.99 2.65 -0.71
N LEU A 44 -7.09 1.41 -0.28
CA LEU A 44 -7.38 0.30 -1.17
C LEU A 44 -8.81 -0.19 -0.95
N GLU A 45 -9.11 -1.42 -1.38
CA GLU A 45 -10.45 -1.99 -1.21
C GLU A 45 -10.91 -1.85 0.24
N SER A 46 -10.17 -2.45 1.15
CA SER A 46 -10.47 -2.34 2.57
C SER A 46 -9.25 -2.71 3.39
N ILE A 47 -8.51 -1.70 3.81
CA ILE A 47 -7.32 -1.90 4.61
C ILE A 47 -6.99 -0.62 5.36
N GLU A 48 -6.42 -0.75 6.54
CA GLU A 48 -6.02 0.41 7.30
C GLU A 48 -4.55 0.67 7.02
N ARG A 49 -4.13 1.92 7.14
CA ARG A 49 -2.74 2.28 6.90
C ARG A 49 -1.83 1.51 7.85
N ASP A 50 -2.31 1.31 9.06
CA ASP A 50 -1.57 0.60 10.09
C ASP A 50 -1.47 -0.89 9.76
N GLU A 51 -2.52 -1.46 9.16
CA GLU A 51 -2.52 -2.89 8.82
C GLU A 51 -1.60 -3.17 7.64
N ALA A 52 -1.49 -2.20 6.75
CA ALA A 52 -0.60 -2.34 5.61
C ALA A 52 0.83 -2.22 6.06
N LYS A 53 1.06 -1.22 6.91
CA LYS A 53 2.39 -0.96 7.46
C LYS A 53 2.88 -2.16 8.27
N SER A 54 1.99 -2.70 9.11
CA SER A 54 2.31 -3.84 9.95
C SER A 54 2.69 -5.05 9.11
N LEU A 55 2.05 -5.18 7.95
CA LEU A 55 2.34 -6.29 7.04
C LEU A 55 3.72 -6.11 6.41
N ILE A 56 3.93 -4.96 5.79
CA ILE A 56 5.18 -4.65 5.12
C ILE A 56 6.37 -4.70 6.08
N GLU A 57 6.24 -4.00 7.22
CA GLU A 57 7.31 -3.93 8.22
C GLU A 57 7.70 -5.33 8.73
N ARG A 58 6.70 -6.14 9.06
CA ARG A 58 6.95 -7.48 9.56
C ARG A 58 7.64 -8.34 8.50
N TYR A 59 7.30 -8.09 7.24
CA TYR A 59 7.86 -8.84 6.14
C TYR A 59 9.22 -8.27 5.70
N GLY A 60 9.88 -7.54 6.58
CA GLY A 60 11.19 -6.99 6.29
C GLY A 60 11.18 -5.93 5.21
N GLY A 61 10.00 -5.42 4.91
CA GLY A 61 9.90 -4.38 3.89
C GLY A 61 9.83 -3.01 4.51
N LYS A 62 10.27 -2.01 3.78
CA LYS A 62 10.22 -0.64 4.28
C LYS A 62 9.07 0.09 3.64
N VAL A 63 8.42 0.95 4.40
CA VAL A 63 7.28 1.71 3.91
C VAL A 63 7.40 3.18 4.30
N THR A 64 7.16 4.05 3.34
CA THR A 64 7.24 5.49 3.55
C THR A 64 6.15 6.18 2.73
N GLY A 65 5.79 7.39 3.12
CA GLY A 65 4.76 8.12 2.42
C GLY A 65 5.28 8.87 1.20
N ASN A 66 6.57 8.75 0.95
CA ASN A 66 7.17 9.42 -0.20
C ASN A 66 7.87 8.39 -1.08
N VAL A 67 7.32 8.19 -2.29
CA VAL A 67 7.87 7.23 -3.25
C VAL A 67 9.36 7.48 -3.50
N SER A 68 10.13 6.41 -3.52
CA SER A 68 11.56 6.49 -3.72
C SER A 68 11.97 5.83 -5.04
N LYS A 69 13.25 5.95 -5.38
CA LYS A 69 13.77 5.38 -6.61
C LYS A 69 13.89 3.85 -6.51
N LYS A 70 13.90 3.34 -5.29
CA LYS A 70 14.02 1.91 -5.07
C LYS A 70 12.70 1.30 -4.61
N THR A 71 11.61 2.01 -4.87
CA THR A 71 10.29 1.51 -4.48
C THR A 71 9.89 0.33 -5.35
N ASN A 72 9.87 0.55 -6.67
CA ASN A 72 9.52 -0.48 -7.65
C ASN A 72 8.02 -0.82 -7.66
N TYR A 73 7.39 -0.84 -6.49
CA TYR A 73 5.97 -1.17 -6.41
C TYR A 73 5.22 -0.13 -5.57
N LEU A 74 4.33 0.60 -6.23
CA LEU A 74 3.55 1.61 -5.57
C LEU A 74 2.11 1.13 -5.40
N VAL A 75 1.67 1.01 -4.16
CA VAL A 75 0.33 0.56 -3.87
C VAL A 75 -0.62 1.76 -3.87
N MET A 76 -1.51 1.81 -4.85
CA MET A 76 -2.44 2.91 -4.97
C MET A 76 -3.82 2.43 -5.39
N GLY A 77 -4.80 2.67 -4.55
CA GLY A 77 -6.15 2.28 -4.86
C GLY A 77 -6.99 3.48 -5.23
N ARG A 78 -7.58 4.09 -4.22
CA ARG A 78 -8.39 5.27 -4.42
C ARG A 78 -7.68 6.51 -3.92
N ASP A 79 -6.87 7.07 -4.78
CA ASP A 79 -6.11 8.27 -4.46
C ASP A 79 -6.20 9.23 -5.63
N SER A 80 -5.85 10.46 -5.38
CA SER A 80 -5.88 11.50 -6.40
C SER A 80 -4.54 12.23 -6.49
N GLY A 81 -3.61 11.88 -5.61
CA GLY A 81 -2.30 12.51 -5.60
C GLY A 81 -1.51 12.30 -6.87
N GLN A 82 -1.73 13.14 -7.86
CA GLN A 82 -1.02 13.04 -9.12
C GLN A 82 0.45 13.42 -8.95
N SER A 83 0.71 14.31 -8.00
CA SER A 83 2.06 14.79 -7.72
C SER A 83 3.00 13.66 -7.31
N LYS A 84 2.50 12.75 -6.49
CA LYS A 84 3.30 11.61 -6.02
C LYS A 84 3.35 10.51 -7.07
N SER A 85 2.23 10.30 -7.75
CA SER A 85 2.15 9.27 -8.79
C SER A 85 3.08 9.61 -9.94
N ASP A 86 3.25 10.90 -10.19
CA ASP A 86 4.12 11.38 -11.26
C ASP A 86 5.55 10.89 -11.06
N LYS A 87 6.04 10.98 -9.82
CA LYS A 87 7.39 10.55 -9.50
C LYS A 87 7.56 9.08 -9.81
N ALA A 88 6.66 8.26 -9.27
CA ALA A 88 6.70 6.82 -9.47
C ALA A 88 6.66 6.45 -10.95
N ALA A 89 5.78 7.09 -11.70
CA ALA A 89 5.64 6.84 -13.13
C ALA A 89 6.93 7.16 -13.87
N ALA A 90 7.59 8.24 -13.48
CA ALA A 90 8.84 8.65 -14.13
C ALA A 90 9.99 7.72 -13.77
N LEU A 91 9.93 7.14 -12.57
CA LEU A 91 10.98 6.22 -12.12
C LEU A 91 10.82 4.84 -12.76
N GLY A 92 9.58 4.50 -13.07
CA GLY A 92 9.31 3.20 -13.65
C GLY A 92 8.70 2.27 -12.64
N THR A 93 8.04 2.86 -11.64
CA THR A 93 7.40 2.11 -10.59
C THR A 93 6.00 1.70 -11.01
N LYS A 94 5.67 0.43 -10.83
CA LYS A 94 4.37 -0.09 -11.22
C LYS A 94 3.36 0.11 -10.10
N ILE A 95 2.11 0.39 -10.50
CA ILE A 95 1.03 0.62 -9.55
C ILE A 95 0.28 -0.68 -9.28
N ILE A 96 0.16 -1.04 -8.01
CA ILE A 96 -0.55 -2.25 -7.61
C ILE A 96 -1.65 -1.94 -6.62
N ASP A 97 -2.59 -2.86 -6.50
CA ASP A 97 -3.72 -2.71 -5.57
C ASP A 97 -3.51 -3.56 -4.33
N GLU A 98 -4.56 -3.72 -3.53
CA GLU A 98 -4.48 -4.51 -2.31
C GLU A 98 -4.06 -5.93 -2.60
N ASP A 99 -4.74 -6.56 -3.54
CA ASP A 99 -4.44 -7.93 -3.91
C ASP A 99 -3.06 -7.99 -4.56
N GLY A 100 -2.69 -6.94 -5.26
CA GLY A 100 -1.40 -6.87 -5.91
C GLY A 100 -0.26 -7.01 -4.92
N LEU A 101 -0.41 -6.37 -3.76
CA LEU A 101 0.61 -6.43 -2.72
C LEU A 101 0.64 -7.82 -2.09
N LEU A 102 -0.55 -8.38 -1.85
CA LEU A 102 -0.66 -9.70 -1.26
C LEU A 102 -0.27 -10.80 -2.24
N ASN A 103 -0.39 -10.51 -3.53
CA ASN A 103 -0.07 -11.47 -4.59
C ASN A 103 1.40 -11.88 -4.52
N LEU A 104 2.25 -10.93 -4.14
CA LEU A 104 3.68 -11.22 -4.02
C LEU A 104 3.90 -12.27 -2.93
N ILE A 105 3.23 -12.07 -1.81
CA ILE A 105 3.32 -12.98 -0.68
C ILE A 105 2.61 -14.29 -1.00
N ARG A 106 1.54 -14.19 -1.77
CA ARG A 106 0.75 -15.35 -2.19
C ARG A 106 1.56 -16.24 -3.13
N ASN A 107 2.53 -15.64 -3.80
CA ASN A 107 3.38 -16.38 -4.72
C ASN A 107 4.41 -17.21 -3.95
N LEU A 108 5.03 -16.59 -2.96
CA LEU A 108 6.05 -17.27 -2.17
C LEU A 108 5.43 -18.26 -1.18
N GLU A 109 4.45 -17.79 -0.41
CA GLU A 109 3.78 -18.60 0.60
C GLU A 109 4.80 -19.25 1.54
N LYS A 1 -14.75 25.44 0.93
CA LYS A 1 -15.74 26.33 1.58
C LYS A 1 -16.96 25.53 2.02
N ARG A 2 -17.64 26.04 3.05
CA ARG A 2 -18.84 25.40 3.61
C ARG A 2 -18.51 24.03 4.19
N THR A 3 -18.30 24.00 5.51
CA THR A 3 -17.99 22.75 6.20
C THR A 3 -19.24 21.89 6.38
N ASN A 4 -19.59 21.15 5.35
CA ASN A 4 -20.75 20.28 5.38
C ASN A 4 -20.39 18.95 6.05
N TYR A 5 -20.99 18.71 7.21
CA TYR A 5 -20.71 17.50 7.99
C TYR A 5 -21.18 16.25 7.25
N GLN A 6 -22.18 16.40 6.39
CA GLN A 6 -22.72 15.27 5.63
C GLN A 6 -21.70 14.72 4.64
N ALA A 7 -20.64 15.48 4.37
CA ALA A 7 -19.61 15.06 3.44
C ALA A 7 -18.73 13.97 4.06
N TYR A 8 -18.89 13.74 5.35
CA TYR A 8 -18.12 12.73 6.05
C TYR A 8 -18.43 11.33 5.52
N ARG A 9 -19.60 11.19 4.90
CA ARG A 9 -20.05 9.91 4.37
C ARG A 9 -19.09 9.39 3.30
N SER A 10 -18.75 10.24 2.34
CA SER A 10 -17.86 9.85 1.26
C SER A 10 -16.42 9.71 1.74
N TYR A 11 -16.05 10.52 2.74
CA TYR A 11 -14.71 10.49 3.28
C TYR A 11 -14.51 9.26 4.17
N LEU A 12 -15.59 8.82 4.81
CA LEU A 12 -15.54 7.65 5.68
C LEU A 12 -15.39 6.38 4.85
N ASN A 13 -15.91 6.44 3.63
CA ASN A 13 -15.85 5.29 2.71
C ASN A 13 -14.53 5.26 1.96
N ARG A 14 -13.58 6.10 2.38
CA ARG A 14 -12.26 6.13 1.75
C ARG A 14 -11.51 4.85 2.08
N GLU A 15 -11.81 4.30 3.25
CA GLU A 15 -11.20 3.08 3.72
C GLU A 15 -12.27 2.01 3.87
N GLY A 16 -11.90 0.77 3.56
CA GLY A 16 -12.84 -0.32 3.68
C GLY A 16 -12.49 -1.48 2.75
N PRO A 17 -11.41 -2.21 3.06
CA PRO A 17 -10.97 -3.35 2.26
C PRO A 17 -12.02 -4.46 2.24
N LYS A 18 -12.41 -4.88 1.05
CA LYS A 18 -13.41 -5.93 0.91
C LYS A 18 -12.86 -7.29 1.30
N ALA A 19 -11.53 -7.40 1.30
CA ALA A 19 -10.87 -8.65 1.67
C ALA A 19 -10.42 -8.58 3.12
N LEU A 20 -11.10 -7.75 3.91
CA LEU A 20 -10.78 -7.59 5.32
C LEU A 20 -10.94 -8.90 6.08
N GLY A 21 -11.87 -9.74 5.63
CA GLY A 21 -12.10 -11.02 6.27
C GLY A 21 -11.33 -12.14 5.59
N SER A 22 -10.41 -11.77 4.71
CA SER A 22 -9.61 -12.73 3.98
C SER A 22 -8.14 -12.30 3.96
N LYS A 23 -7.73 -11.52 4.95
CA LYS A 23 -6.35 -11.06 5.04
C LYS A 23 -5.44 -12.20 5.49
N GLU A 24 -4.98 -12.96 4.51
CA GLU A 24 -4.12 -14.11 4.75
C GLU A 24 -2.86 -13.76 5.51
N ILE A 25 -2.07 -12.88 4.91
CA ILE A 25 -0.79 -12.46 5.49
C ILE A 25 0.17 -13.65 5.45
N PRO A 26 0.92 -13.79 4.35
CA PRO A 26 1.84 -14.91 4.15
C PRO A 26 2.89 -15.03 5.24
N LYS A 27 3.24 -16.27 5.55
CA LYS A 27 4.26 -16.58 6.55
C LYS A 27 5.48 -17.15 5.84
N GLY A 28 5.72 -16.65 4.64
CA GLY A 28 6.80 -17.09 3.82
C GLY A 28 8.17 -16.70 4.33
N ALA A 29 9.14 -16.70 3.44
CA ALA A 29 10.50 -16.34 3.78
C ALA A 29 10.58 -14.89 4.19
N GLU A 30 10.82 -14.66 5.47
CA GLU A 30 10.91 -13.31 6.00
C GLU A 30 12.05 -12.54 5.35
N ASN A 31 13.10 -13.24 4.97
CA ASN A 31 14.26 -12.61 4.33
C ASN A 31 13.93 -12.11 2.92
N CYS A 32 12.73 -12.42 2.43
CA CYS A 32 12.32 -12.01 1.09
C CYS A 32 12.34 -10.49 0.92
N LEU A 33 11.80 -9.77 1.90
CA LEU A 33 11.76 -8.30 1.81
C LEU A 33 12.93 -7.69 2.57
N GLU A 34 13.75 -8.54 3.16
CA GLU A 34 14.90 -8.09 3.95
C GLU A 34 15.91 -7.34 3.08
N GLY A 35 16.17 -6.10 3.44
CA GLY A 35 17.12 -5.29 2.70
C GLY A 35 16.45 -4.50 1.59
N LEU A 36 15.18 -4.77 1.39
CA LEU A 36 14.41 -4.09 0.35
C LEU A 36 13.48 -3.07 0.99
N ILE A 37 13.36 -1.90 0.38
CA ILE A 37 12.50 -0.87 0.91
C ILE A 37 11.15 -0.92 0.19
N PHE A 38 10.07 -0.99 0.94
CA PHE A 38 8.75 -1.04 0.36
C PHE A 38 7.93 0.17 0.77
N VAL A 39 7.68 1.03 -0.19
CA VAL A 39 6.91 2.23 0.06
C VAL A 39 5.49 2.05 -0.47
N ILE A 40 4.52 2.04 0.43
CA ILE A 40 3.13 1.88 0.04
C ILE A 40 2.41 3.22 0.15
N THR A 41 1.84 3.66 -0.96
CA THR A 41 1.15 4.94 -1.00
C THR A 41 -0.36 4.75 -1.22
N GLY A 42 -1.13 5.77 -0.82
CA GLY A 42 -2.56 5.74 -0.97
C GLY A 42 -3.20 4.56 -0.26
N VAL A 43 -3.56 3.56 -1.04
CA VAL A 43 -4.18 2.35 -0.52
C VAL A 43 -4.18 1.29 -1.61
N LEU A 44 -4.01 0.04 -1.21
CA LEU A 44 -3.99 -1.07 -2.17
C LEU A 44 -5.40 -1.56 -2.43
N GLU A 45 -5.52 -2.66 -3.15
CA GLU A 45 -6.82 -3.24 -3.46
C GLU A 45 -7.63 -3.42 -2.18
N SER A 46 -7.14 -4.30 -1.31
CA SER A 46 -7.79 -4.53 -0.03
C SER A 46 -6.76 -4.97 0.99
N ILE A 47 -6.31 -4.01 1.78
CA ILE A 47 -5.34 -4.28 2.84
C ILE A 47 -5.41 -3.17 3.89
N GLU A 48 -5.12 -3.50 5.12
CA GLU A 48 -5.09 -2.50 6.16
C GLU A 48 -3.70 -1.90 6.17
N ARG A 49 -3.61 -0.58 6.23
CA ARG A 49 -2.33 0.11 6.22
C ARG A 49 -1.36 -0.48 7.25
N ASP A 50 -1.90 -0.85 8.40
CA ASP A 50 -1.09 -1.43 9.47
C ASP A 50 -0.61 -2.84 9.13
N GLU A 51 -1.41 -3.58 8.35
CA GLU A 51 -1.04 -4.95 7.97
C GLU A 51 0.08 -4.96 6.97
N ALA A 52 0.12 -3.94 6.13
CA ALA A 52 1.16 -3.85 5.13
C ALA A 52 2.48 -3.53 5.81
N LYS A 53 2.43 -2.61 6.76
CA LYS A 53 3.61 -2.23 7.51
C LYS A 53 4.11 -3.41 8.32
N SER A 54 3.20 -4.08 9.01
CA SER A 54 3.54 -5.24 9.81
C SER A 54 4.19 -6.33 8.97
N LEU A 55 3.61 -6.57 7.79
CA LEU A 55 4.13 -7.58 6.86
C LEU A 55 5.54 -7.24 6.40
N ILE A 56 5.71 -6.03 5.85
CA ILE A 56 7.01 -5.59 5.36
C ILE A 56 8.05 -5.54 6.47
N GLU A 57 7.70 -4.90 7.58
CA GLU A 57 8.60 -4.76 8.72
C GLU A 57 9.03 -6.12 9.29
N ARG A 58 8.10 -7.07 9.34
CA ARG A 58 8.42 -8.39 9.86
C ARG A 58 9.40 -9.11 8.93
N TYR A 59 9.26 -8.83 7.63
CA TYR A 59 10.12 -9.44 6.64
C TYR A 59 11.42 -8.67 6.49
N GLY A 60 11.84 -8.00 7.55
CA GLY A 60 13.09 -7.24 7.54
C GLY A 60 13.12 -6.13 6.51
N GLY A 61 11.96 -5.70 6.06
CA GLY A 61 11.91 -4.63 5.09
C GLY A 61 11.57 -3.30 5.72
N LYS A 62 12.00 -2.22 5.09
CA LYS A 62 11.72 -0.89 5.61
C LYS A 62 10.61 -0.24 4.81
N VAL A 63 9.75 0.52 5.47
CA VAL A 63 8.64 1.17 4.79
C VAL A 63 8.56 2.65 5.16
N THR A 64 8.58 3.49 4.13
CA THR A 64 8.49 4.93 4.31
C THR A 64 7.35 5.49 3.48
N GLY A 65 6.88 6.69 3.82
CA GLY A 65 5.77 7.30 3.10
C GLY A 65 6.22 7.98 1.82
N ASN A 66 7.51 8.21 1.70
CA ASN A 66 8.05 8.87 0.51
C ASN A 66 9.09 7.99 -0.17
N VAL A 67 9.14 8.06 -1.49
CA VAL A 67 10.09 7.29 -2.26
C VAL A 67 11.42 8.04 -2.38
N SER A 68 12.49 7.30 -2.20
CA SER A 68 13.82 7.87 -2.28
C SER A 68 14.65 7.13 -3.34
N LYS A 69 15.92 7.49 -3.44
CA LYS A 69 16.82 6.90 -4.43
C LYS A 69 17.19 5.47 -4.06
N LYS A 70 16.78 5.03 -2.87
CA LYS A 70 17.09 3.69 -2.40
C LYS A 70 15.83 2.91 -2.05
N THR A 71 14.68 3.36 -2.54
CA THR A 71 13.43 2.67 -2.27
C THR A 71 13.39 1.30 -2.96
N ASN A 72 13.80 1.27 -4.22
CA ASN A 72 13.84 0.04 -5.02
C ASN A 72 12.44 -0.42 -5.46
N TYR A 73 11.50 -0.52 -4.52
CA TYR A 73 10.15 -0.97 -4.87
C TYR A 73 9.08 -0.03 -4.32
N LEU A 74 8.29 0.54 -5.22
CA LEU A 74 7.23 1.45 -4.83
C LEU A 74 5.87 0.80 -5.06
N VAL A 75 5.14 0.59 -3.98
CA VAL A 75 3.82 -0.01 -4.06
C VAL A 75 2.78 1.07 -4.26
N MET A 76 2.22 1.14 -5.45
CA MET A 76 1.24 2.15 -5.77
C MET A 76 -0.08 1.52 -6.18
N GLY A 77 -1.06 1.67 -5.32
CA GLY A 77 -2.38 1.14 -5.60
C GLY A 77 -3.31 2.22 -6.08
N ARG A 78 -4.33 2.52 -5.31
CA ARG A 78 -5.26 3.56 -5.65
C ARG A 78 -4.69 4.89 -5.18
N ASP A 79 -3.90 5.50 -6.05
CA ASP A 79 -3.25 6.77 -5.74
C ASP A 79 -3.18 7.62 -7.00
N SER A 80 -3.42 8.90 -6.85
CA SER A 80 -3.39 9.82 -7.97
C SER A 80 -2.24 10.81 -7.83
N GLY A 81 -1.34 10.52 -6.89
CA GLY A 81 -0.20 11.38 -6.67
C GLY A 81 0.87 11.22 -7.71
N GLN A 82 0.65 11.81 -8.89
CA GLN A 82 1.60 11.72 -9.99
C GLN A 82 2.93 12.38 -9.59
N SER A 83 2.84 13.32 -8.66
CA SER A 83 4.01 14.05 -8.17
C SER A 83 5.03 13.11 -7.52
N LYS A 84 4.56 12.22 -6.64
CA LYS A 84 5.46 11.30 -5.95
C LYS A 84 5.84 10.12 -6.83
N SER A 85 4.99 9.81 -7.81
CA SER A 85 5.24 8.71 -8.72
C SER A 85 6.41 9.06 -9.65
N ASP A 86 6.49 10.34 -10.03
CA ASP A 86 7.54 10.84 -10.91
C ASP A 86 8.94 10.56 -10.35
N LYS A 87 9.06 10.64 -9.02
CA LYS A 87 10.33 10.41 -8.37
C LYS A 87 10.83 9.00 -8.65
N ALA A 88 10.00 8.01 -8.32
CA ALA A 88 10.34 6.60 -8.51
C ALA A 88 10.77 6.30 -9.94
N ALA A 89 9.95 6.73 -10.89
CA ALA A 89 10.19 6.50 -12.31
C ALA A 89 11.54 7.04 -12.76
N ALA A 90 11.91 8.20 -12.26
CA ALA A 90 13.18 8.81 -12.65
C ALA A 90 14.37 8.24 -11.87
N LEU A 91 14.11 7.66 -10.72
CA LEU A 91 15.18 7.10 -9.90
C LEU A 91 15.48 5.66 -10.28
N GLY A 92 14.48 4.96 -10.80
CA GLY A 92 14.66 3.58 -11.19
C GLY A 92 13.84 2.64 -10.34
N THR A 93 13.10 3.23 -9.41
CA THR A 93 12.24 2.47 -8.51
C THR A 93 11.07 1.89 -9.29
N LYS A 94 10.92 0.57 -9.23
CA LYS A 94 9.86 -0.10 -9.97
C LYS A 94 8.53 -0.05 -9.20
N ILE A 95 7.44 0.10 -9.93
CA ILE A 95 6.11 0.19 -9.34
C ILE A 95 5.48 -1.20 -9.24
N ILE A 96 4.88 -1.50 -8.10
CA ILE A 96 4.22 -2.77 -7.89
C ILE A 96 2.88 -2.58 -7.20
N ASP A 97 1.99 -3.55 -7.37
CA ASP A 97 0.67 -3.51 -6.76
C ASP A 97 0.67 -4.44 -5.55
N GLU A 98 -0.49 -4.66 -4.96
CA GLU A 98 -0.60 -5.56 -3.81
C GLU A 98 -0.29 -6.97 -4.26
N ASP A 99 -0.79 -7.31 -5.45
CA ASP A 99 -0.57 -8.62 -6.03
C ASP A 99 0.90 -8.80 -6.33
N GLY A 100 1.55 -7.73 -6.80
CA GLY A 100 2.97 -7.78 -7.10
C GLY A 100 3.79 -7.97 -5.85
N LEU A 101 3.42 -7.26 -4.78
CA LEU A 101 4.12 -7.36 -3.50
C LEU A 101 4.01 -8.79 -2.97
N LEU A 102 2.78 -9.31 -2.96
CA LEU A 102 2.52 -10.66 -2.48
C LEU A 102 3.12 -11.69 -3.41
N ASN A 103 3.26 -11.34 -4.69
CA ASN A 103 3.83 -12.23 -5.69
C ASN A 103 5.27 -12.58 -5.35
N LEU A 104 6.02 -11.58 -4.90
CA LEU A 104 7.41 -11.76 -4.53
C LEU A 104 7.52 -12.75 -3.38
N ILE A 105 6.64 -12.59 -2.40
CA ILE A 105 6.63 -13.47 -1.23
C ILE A 105 6.06 -14.84 -1.62
N ARG A 106 5.06 -14.83 -2.50
CA ARG A 106 4.42 -16.06 -2.97
C ARG A 106 5.41 -16.92 -3.75
N ASN A 107 6.42 -16.26 -4.31
CA ASN A 107 7.46 -16.96 -5.06
C ASN A 107 8.21 -17.89 -4.11
N LEU A 108 8.29 -17.47 -2.86
CA LEU A 108 8.94 -18.25 -1.82
C LEU A 108 7.93 -19.20 -1.18
N GLU A 109 6.82 -18.66 -0.69
CA GLU A 109 5.78 -19.46 -0.07
C GLU A 109 4.44 -18.73 -0.10
N LYS A 1 -20.91 28.66 7.70
CA LYS A 1 -19.49 28.42 7.35
C LYS A 1 -19.06 27.02 7.77
N ARG A 2 -19.51 26.58 8.94
CA ARG A 2 -19.14 25.27 9.43
C ARG A 2 -20.37 24.39 9.53
N THR A 3 -20.22 23.14 9.11
CA THR A 3 -21.31 22.19 9.13
C THR A 3 -20.84 20.87 9.74
N ASN A 4 -21.76 19.95 9.95
CA ASN A 4 -21.44 18.65 10.52
C ASN A 4 -20.96 17.71 9.42
N TYR A 5 -19.90 18.12 8.73
CA TYR A 5 -19.34 17.32 7.64
C TYR A 5 -18.66 16.06 8.14
N GLN A 6 -18.46 15.98 9.45
CA GLN A 6 -17.84 14.82 10.07
C GLN A 6 -18.81 13.63 10.06
N ALA A 7 -20.10 13.93 9.92
CA ALA A 7 -21.13 12.91 9.92
C ALA A 7 -21.06 12.03 8.67
N TYR A 8 -20.91 12.65 7.52
CA TYR A 8 -20.84 11.93 6.25
C TYR A 8 -19.40 11.85 5.74
N ARG A 9 -18.45 12.10 6.65
CA ARG A 9 -17.04 12.06 6.30
C ARG A 9 -16.62 10.68 5.77
N SER A 10 -17.29 9.64 6.23
CA SER A 10 -16.99 8.28 5.80
C SER A 10 -17.12 8.17 4.27
N TYR A 11 -18.14 8.81 3.72
CA TYR A 11 -18.38 8.80 2.29
C TYR A 11 -17.39 9.73 1.58
N LEU A 12 -17.11 10.86 2.20
CA LEU A 12 -16.21 11.86 1.67
C LEU A 12 -14.79 11.34 1.54
N ASN A 13 -14.35 10.58 2.54
CA ASN A 13 -12.99 10.05 2.58
C ASN A 13 -12.91 8.69 1.89
N ARG A 14 -14.06 8.05 1.70
CA ARG A 14 -14.14 6.74 1.05
C ARG A 14 -13.51 5.65 1.91
N GLU A 15 -13.27 5.96 3.18
CA GLU A 15 -12.67 5.00 4.11
C GLU A 15 -13.71 3.98 4.56
N GLY A 16 -13.53 2.72 4.18
CA GLY A 16 -14.47 1.69 4.56
C GLY A 16 -13.89 0.29 4.51
N PRO A 17 -13.03 -0.08 5.46
CA PRO A 17 -12.42 -1.41 5.52
C PRO A 17 -13.44 -2.47 5.97
N LYS A 18 -13.87 -3.28 5.04
CA LYS A 18 -14.86 -4.31 5.31
C LYS A 18 -14.22 -5.56 5.92
N ALA A 19 -13.41 -6.25 5.15
CA ALA A 19 -12.76 -7.48 5.61
C ALA A 19 -11.43 -7.16 6.29
N LEU A 20 -11.50 -6.41 7.38
CA LEU A 20 -10.32 -6.00 8.13
C LEU A 20 -10.00 -7.01 9.22
N GLY A 21 -8.90 -7.72 9.06
CA GLY A 21 -8.48 -8.69 10.04
C GLY A 21 -8.91 -10.10 9.69
N SER A 22 -9.06 -10.37 8.41
CA SER A 22 -9.48 -11.69 7.96
C SER A 22 -9.10 -11.92 6.51
N LYS A 23 -8.35 -10.99 5.92
CA LYS A 23 -7.94 -11.11 4.54
C LYS A 23 -6.46 -10.78 4.38
N GLU A 24 -6.02 -9.81 5.16
CA GLU A 24 -4.63 -9.36 5.12
C GLU A 24 -3.76 -10.19 6.06
N ILE A 25 -2.46 -9.93 6.02
CA ILE A 25 -1.48 -10.64 6.84
C ILE A 25 -1.48 -12.13 6.49
N PRO A 26 -0.67 -12.52 5.49
CA PRO A 26 -0.57 -13.89 5.05
C PRO A 26 0.52 -14.67 5.78
N LYS A 27 0.70 -15.92 5.38
CA LYS A 27 1.70 -16.79 5.97
C LYS A 27 2.80 -17.06 4.96
N GLY A 28 3.06 -16.08 4.11
CA GLY A 28 4.07 -16.21 3.09
C GLY A 28 5.46 -15.94 3.62
N ALA A 29 6.44 -16.24 2.80
CA ALA A 29 7.84 -16.05 3.13
C ALA A 29 8.12 -14.62 3.57
N GLU A 30 8.56 -14.48 4.81
CA GLU A 30 8.87 -13.18 5.40
C GLU A 30 9.90 -12.39 4.59
N ASN A 31 10.74 -13.08 3.84
CA ASN A 31 11.77 -12.43 3.03
C ASN A 31 11.23 -11.91 1.70
N CYS A 32 9.96 -12.20 1.40
CA CYS A 32 9.34 -11.78 0.14
C CYS A 32 9.51 -10.29 -0.16
N LEU A 33 9.08 -9.43 0.76
CA LEU A 33 9.17 -7.98 0.56
C LEU A 33 10.56 -7.48 0.95
N GLU A 34 11.33 -8.34 1.59
CA GLU A 34 12.68 -7.99 2.03
C GLU A 34 13.63 -7.93 0.84
N GLY A 35 13.77 -6.74 0.27
CA GLY A 35 14.65 -6.55 -0.87
C GLY A 35 14.36 -5.28 -1.63
N LEU A 36 13.12 -4.81 -1.53
CA LEU A 36 12.72 -3.59 -2.22
C LEU A 36 11.94 -2.68 -1.28
N ILE A 37 11.51 -1.54 -1.78
CA ILE A 37 10.75 -0.58 -0.98
C ILE A 37 9.29 -0.60 -1.42
N PHE A 38 8.38 -0.71 -0.46
CA PHE A 38 6.97 -0.74 -0.78
C PHE A 38 6.31 0.57 -0.38
N VAL A 39 5.89 1.33 -1.39
CA VAL A 39 5.24 2.59 -1.18
C VAL A 39 3.73 2.43 -1.34
N ILE A 40 2.97 2.87 -0.36
CA ILE A 40 1.53 2.73 -0.40
C ILE A 40 0.84 4.09 -0.32
N THR A 41 0.01 4.39 -1.31
CA THR A 41 -0.72 5.64 -1.35
C THR A 41 -2.19 5.40 -1.70
N GLY A 42 -3.03 6.38 -1.41
CA GLY A 42 -4.45 6.25 -1.70
C GLY A 42 -5.12 5.24 -0.79
N VAL A 43 -6.13 4.57 -1.30
CA VAL A 43 -6.85 3.57 -0.53
C VAL A 43 -7.07 2.32 -1.36
N LEU A 44 -6.95 1.17 -0.72
CA LEU A 44 -7.14 -0.11 -1.40
C LEU A 44 -8.56 -0.60 -1.16
N GLU A 45 -8.79 -1.88 -1.43
CA GLU A 45 -10.10 -2.49 -1.25
C GLU A 45 -10.56 -2.34 0.20
N SER A 46 -9.77 -2.88 1.12
CA SER A 46 -10.08 -2.78 2.54
C SER A 46 -8.86 -3.10 3.37
N ILE A 47 -8.16 -2.07 3.83
CA ILE A 47 -6.97 -2.25 4.64
C ILE A 47 -6.71 -1.01 5.48
N GLU A 48 -6.10 -1.20 6.65
CA GLU A 48 -5.75 -0.09 7.50
C GLU A 48 -4.29 0.27 7.23
N ARG A 49 -3.96 1.55 7.36
CA ARG A 49 -2.60 2.00 7.11
C ARG A 49 -1.60 1.26 8.00
N ASP A 50 -2.00 0.98 9.23
CA ASP A 50 -1.12 0.28 10.18
C ASP A 50 -0.95 -1.19 9.79
N GLU A 51 -2.01 -1.79 9.23
CA GLU A 51 -1.96 -3.20 8.85
C GLU A 51 -1.12 -3.42 7.60
N ALA A 52 -1.09 -2.41 6.74
CA ALA A 52 -0.30 -2.50 5.53
C ALA A 52 1.17 -2.39 5.90
N LYS A 53 1.45 -1.44 6.76
CA LYS A 53 2.81 -1.20 7.22
C LYS A 53 3.32 -2.40 7.98
N SER A 54 2.50 -2.95 8.86
CA SER A 54 2.85 -4.12 9.65
C SER A 54 3.24 -5.27 8.74
N LEU A 55 2.51 -5.43 7.63
CA LEU A 55 2.78 -6.49 6.68
C LEU A 55 4.15 -6.28 6.03
N ILE A 56 4.35 -5.09 5.47
CA ILE A 56 5.59 -4.74 4.80
C ILE A 56 6.79 -4.83 5.74
N GLU A 57 6.70 -4.15 6.89
CA GLU A 57 7.78 -4.12 7.86
C GLU A 57 8.11 -5.52 8.39
N ARG A 58 7.07 -6.32 8.66
CA ARG A 58 7.28 -7.68 9.15
C ARG A 58 8.01 -8.52 8.10
N TYR A 59 7.74 -8.22 6.84
CA TYR A 59 8.36 -8.93 5.73
C TYR A 59 9.68 -8.29 5.32
N GLY A 60 10.30 -7.56 6.25
CA GLY A 60 11.60 -6.95 5.99
C GLY A 60 11.58 -5.89 4.92
N GLY A 61 10.41 -5.36 4.62
CA GLY A 61 10.30 -4.35 3.59
C GLY A 61 10.20 -2.96 4.20
N LYS A 62 10.67 -1.96 3.47
CA LYS A 62 10.61 -0.60 3.95
C LYS A 62 9.46 0.15 3.28
N VAL A 63 8.82 1.03 4.01
CA VAL A 63 7.70 1.79 3.50
C VAL A 63 7.95 3.28 3.71
N THR A 64 7.72 4.08 2.67
CA THR A 64 7.96 5.51 2.74
C THR A 64 6.74 6.28 2.25
N GLY A 65 6.56 7.50 2.76
CA GLY A 65 5.44 8.33 2.37
C GLY A 65 5.73 9.14 1.11
N ASN A 66 6.48 8.53 0.21
CA ASN A 66 6.86 9.14 -1.06
C ASN A 66 7.63 8.13 -1.89
N VAL A 67 7.20 7.94 -3.13
CA VAL A 67 7.84 6.99 -4.03
C VAL A 67 9.34 7.25 -4.17
N SER A 68 10.12 6.18 -4.14
CA SER A 68 11.56 6.27 -4.26
C SER A 68 12.03 5.56 -5.52
N LYS A 69 13.30 5.72 -5.86
CA LYS A 69 13.85 5.11 -7.06
C LYS A 69 13.92 3.58 -6.94
N LYS A 70 14.07 3.09 -5.72
CA LYS A 70 14.16 1.65 -5.49
C LYS A 70 12.83 1.06 -5.01
N THR A 71 11.74 1.76 -5.27
CA THR A 71 10.44 1.26 -4.88
C THR A 71 10.05 0.05 -5.72
N ASN A 72 10.04 0.22 -7.04
CA ASN A 72 9.73 -0.87 -7.98
C ASN A 72 8.24 -1.23 -7.97
N TYR A 73 7.60 -1.23 -6.80
CA TYR A 73 6.20 -1.59 -6.70
C TYR A 73 5.42 -0.50 -5.98
N LEU A 74 4.53 0.17 -6.70
CA LEU A 74 3.74 1.23 -6.10
C LEU A 74 2.35 0.72 -5.75
N VAL A 75 2.07 0.67 -4.46
CA VAL A 75 0.78 0.21 -3.98
C VAL A 75 -0.21 1.37 -4.01
N MET A 76 -1.13 1.30 -4.96
CA MET A 76 -2.11 2.35 -5.13
C MET A 76 -3.42 1.78 -5.63
N GLY A 77 -4.43 1.81 -4.77
CA GLY A 77 -5.74 1.34 -5.15
C GLY A 77 -6.47 2.43 -5.87
N ARG A 78 -7.04 3.34 -5.10
CA ARG A 78 -7.74 4.48 -5.64
C ARG A 78 -7.13 5.72 -5.04
N ASP A 79 -6.38 6.40 -5.88
CA ASP A 79 -5.67 7.60 -5.46
C ASP A 79 -6.11 8.80 -6.25
N SER A 80 -5.72 9.95 -5.77
CA SER A 80 -6.02 11.23 -6.36
C SER A 80 -4.76 12.04 -6.62
N GLY A 81 -3.66 11.65 -5.99
CA GLY A 81 -2.41 12.38 -6.17
C GLY A 81 -1.63 11.94 -7.39
N GLN A 82 -2.00 12.47 -8.55
CA GLN A 82 -1.32 12.14 -9.80
C GLN A 82 0.15 12.58 -9.76
N SER A 83 0.42 13.57 -8.93
CA SER A 83 1.77 14.11 -8.78
C SER A 83 2.77 13.04 -8.39
N LYS A 84 2.34 12.10 -7.55
CA LYS A 84 3.23 11.04 -7.10
C LYS A 84 3.33 9.95 -8.16
N SER A 85 2.19 9.67 -8.79
CA SER A 85 2.13 8.66 -9.84
C SER A 85 3.07 9.04 -10.98
N ASP A 86 3.18 10.34 -11.23
CA ASP A 86 4.04 10.85 -12.29
C ASP A 86 5.50 10.50 -12.00
N LYS A 87 5.91 10.69 -10.75
CA LYS A 87 7.27 10.37 -10.32
C LYS A 87 7.55 8.88 -10.50
N ALA A 88 6.61 8.06 -10.06
CA ALA A 88 6.75 6.61 -10.17
C ALA A 88 6.76 6.17 -11.62
N ALA A 89 5.93 6.82 -12.44
CA ALA A 89 5.82 6.52 -13.85
C ALA A 89 7.15 6.73 -14.56
N ALA A 90 7.86 7.80 -14.19
CA ALA A 90 9.15 8.12 -14.79
C ALA A 90 10.17 7.04 -14.45
N LEU A 91 10.08 6.51 -13.24
CA LEU A 91 10.99 5.47 -12.78
C LEU A 91 10.63 4.12 -13.38
N GLY A 92 9.40 4.01 -13.85
CA GLY A 92 8.93 2.76 -14.44
C GLY A 92 8.37 1.85 -13.37
N THR A 93 7.86 2.46 -12.31
CA THR A 93 7.27 1.72 -11.20
C THR A 93 5.90 1.20 -11.57
N LYS A 94 5.70 -0.11 -11.40
CA LYS A 94 4.42 -0.72 -11.72
C LYS A 94 3.41 -0.47 -10.61
N ILE A 95 2.19 -0.14 -11.01
CA ILE A 95 1.12 0.13 -10.05
C ILE A 95 0.43 -1.15 -9.65
N ILE A 96 0.36 -1.41 -8.35
CA ILE A 96 -0.29 -2.60 -7.84
C ILE A 96 -1.32 -2.23 -6.78
N ASP A 97 -2.25 -3.13 -6.54
CA ASP A 97 -3.30 -2.93 -5.55
C ASP A 97 -3.11 -3.90 -4.39
N GLU A 98 -4.15 -4.05 -3.56
CA GLU A 98 -4.10 -4.95 -2.42
C GLU A 98 -3.69 -6.35 -2.87
N ASP A 99 -4.40 -6.86 -3.86
CA ASP A 99 -4.11 -8.20 -4.39
C ASP A 99 -2.72 -8.23 -4.99
N GLY A 100 -2.34 -7.15 -5.64
CA GLY A 100 -1.03 -7.06 -6.26
C GLY A 100 0.09 -7.19 -5.25
N LEU A 101 -0.06 -6.54 -4.10
CA LEU A 101 0.94 -6.61 -3.03
C LEU A 101 1.01 -8.01 -2.46
N LEU A 102 -0.16 -8.59 -2.23
CA LEU A 102 -0.26 -9.93 -1.68
C LEU A 102 0.17 -10.98 -2.71
N ASN A 103 0.05 -10.63 -3.99
CA ASN A 103 0.42 -11.54 -5.08
C ASN A 103 1.85 -12.04 -4.95
N LEU A 104 2.76 -11.15 -4.55
CA LEU A 104 4.16 -11.51 -4.38
C LEU A 104 4.29 -12.54 -3.26
N ILE A 105 3.65 -12.24 -2.13
CA ILE A 105 3.67 -13.12 -0.96
C ILE A 105 2.92 -14.43 -1.27
N ARG A 106 1.94 -14.33 -2.16
CA ARG A 106 1.13 -15.47 -2.58
C ARG A 106 1.92 -16.39 -3.51
N ASN A 107 2.89 -15.83 -4.20
CA ASN A 107 3.72 -16.59 -5.13
C ASN A 107 4.77 -17.41 -4.37
N LEU A 108 5.35 -16.81 -3.35
CA LEU A 108 6.39 -17.49 -2.58
C LEU A 108 5.79 -18.50 -1.60
N GLU A 109 4.81 -18.05 -0.82
CA GLU A 109 4.15 -18.90 0.17
C GLU A 109 5.17 -19.39 1.21
N LYS A 1 -11.16 31.45 11.89
CA LYS A 1 -10.04 31.33 10.94
C LYS A 1 -9.85 29.89 10.50
N ARG A 2 -10.07 28.96 11.42
CA ARG A 2 -9.92 27.54 11.10
C ARG A 2 -11.29 26.90 10.90
N THR A 3 -11.32 25.84 10.11
CA THR A 3 -12.54 25.11 9.83
C THR A 3 -12.35 23.64 10.15
N ASN A 4 -13.45 22.94 10.44
CA ASN A 4 -13.37 21.52 10.76
C ASN A 4 -13.80 20.68 9.56
N TYR A 5 -12.82 20.28 8.76
CA TYR A 5 -13.08 19.48 7.57
C TYR A 5 -13.16 17.99 7.87
N GLN A 6 -12.94 17.63 9.14
CA GLN A 6 -12.97 16.24 9.55
C GLN A 6 -14.39 15.70 9.54
N ALA A 7 -15.35 16.61 9.48
CA ALA A 7 -16.76 16.27 9.47
C ALA A 7 -17.12 15.46 8.23
N TYR A 8 -16.57 15.83 7.08
CA TYR A 8 -16.86 15.13 5.84
C TYR A 8 -15.71 14.22 5.43
N ARG A 9 -14.81 13.95 6.38
CA ARG A 9 -13.66 13.08 6.13
C ARG A 9 -14.11 11.66 5.81
N SER A 10 -15.21 11.23 6.41
CA SER A 10 -15.73 9.89 6.21
C SER A 10 -16.04 9.62 4.74
N TYR A 11 -16.79 10.52 4.12
CA TYR A 11 -17.16 10.36 2.73
C TYR A 11 -15.99 10.70 1.81
N LEU A 12 -15.14 11.63 2.26
CA LEU A 12 -13.97 12.06 1.49
C LEU A 12 -12.93 10.95 1.40
N ASN A 13 -12.80 10.15 2.45
CA ASN A 13 -11.83 9.06 2.48
C ASN A 13 -12.34 7.87 1.69
N ARG A 14 -13.65 7.63 1.78
CA ARG A 14 -14.31 6.53 1.07
C ARG A 14 -13.67 5.19 1.40
N GLU A 15 -13.27 5.01 2.65
CA GLU A 15 -12.65 3.76 3.09
C GLU A 15 -13.73 2.74 3.41
N GLY A 16 -13.35 1.47 3.44
CA GLY A 16 -14.32 0.43 3.75
C GLY A 16 -13.76 -0.97 3.56
N PRO A 17 -12.95 -1.46 4.51
CA PRO A 17 -12.38 -2.82 4.46
C PRO A 17 -13.45 -3.87 4.74
N LYS A 18 -13.79 -4.63 3.72
CA LYS A 18 -14.82 -5.66 3.85
C LYS A 18 -14.29 -6.94 4.51
N ALA A 19 -13.34 -7.59 3.86
CA ALA A 19 -12.78 -8.83 4.39
C ALA A 19 -11.50 -8.57 5.17
N LEU A 20 -11.54 -7.57 6.03
CA LEU A 20 -10.38 -7.20 6.83
C LEU A 20 -10.12 -8.22 7.93
N GLY A 21 -8.99 -8.90 7.83
CA GLY A 21 -8.62 -9.89 8.82
C GLY A 21 -8.95 -11.29 8.36
N SER A 22 -9.34 -11.41 7.10
CA SER A 22 -9.68 -12.71 6.55
C SER A 22 -9.25 -12.80 5.09
N LYS A 23 -8.37 -11.89 4.67
CA LYS A 23 -7.90 -11.86 3.30
C LYS A 23 -6.43 -11.48 3.22
N GLU A 24 -6.03 -10.50 4.03
CA GLU A 24 -4.67 -10.03 4.05
C GLU A 24 -3.82 -10.78 5.07
N ILE A 25 -2.53 -10.48 5.07
CA ILE A 25 -1.57 -11.11 5.98
C ILE A 25 -1.41 -12.59 5.65
N PRO A 26 -0.57 -12.90 4.65
CA PRO A 26 -0.34 -14.27 4.21
C PRO A 26 0.70 -15.00 5.07
N LYS A 27 0.94 -16.24 4.72
CA LYS A 27 1.90 -17.08 5.43
C LYS A 27 3.12 -17.32 4.55
N GLY A 28 3.45 -16.32 3.73
CA GLY A 28 4.58 -16.43 2.84
C GLY A 28 5.88 -16.13 3.53
N ALA A 29 6.96 -16.24 2.78
CA ALA A 29 8.30 -15.99 3.29
C ALA A 29 8.46 -14.53 3.67
N GLU A 30 8.86 -14.30 4.91
CA GLU A 30 9.04 -12.94 5.43
C GLU A 30 10.01 -12.13 4.59
N ASN A 31 11.10 -12.75 4.18
CA ASN A 31 12.13 -12.06 3.37
C ASN A 31 11.65 -11.67 1.98
N CYS A 32 10.41 -12.06 1.63
CA CYS A 32 9.86 -11.75 0.31
C CYS A 32 9.82 -10.25 0.00
N LEU A 33 9.38 -9.44 0.97
CA LEU A 33 9.29 -8.00 0.76
C LEU A 33 10.55 -7.30 1.23
N GLU A 34 11.49 -8.09 1.73
CA GLU A 34 12.75 -7.57 2.24
C GLU A 34 13.70 -7.27 1.08
N GLY A 35 14.29 -6.08 1.09
CA GLY A 35 15.23 -5.72 0.04
C GLY A 35 14.78 -4.52 -0.76
N LEU A 36 13.48 -4.29 -0.80
CA LEU A 36 12.93 -3.16 -1.55
C LEU A 36 12.00 -2.33 -0.69
N ILE A 37 11.47 -1.25 -1.26
CA ILE A 37 10.57 -0.37 -0.53
C ILE A 37 9.17 -0.45 -1.12
N PHE A 38 8.18 -0.69 -0.28
CA PHE A 38 6.81 -0.78 -0.73
C PHE A 38 6.03 0.46 -0.32
N VAL A 39 5.68 1.26 -1.31
CA VAL A 39 4.94 2.48 -1.07
C VAL A 39 3.47 2.28 -1.40
N ILE A 40 2.64 2.41 -0.38
CA ILE A 40 1.20 2.25 -0.55
C ILE A 40 0.52 3.61 -0.52
N THR A 41 -0.23 3.91 -1.56
CA THR A 41 -0.91 5.18 -1.66
C THR A 41 -2.42 4.97 -1.89
N GLY A 42 -3.21 5.88 -1.33
CA GLY A 42 -4.65 5.80 -1.48
C GLY A 42 -5.26 4.66 -0.71
N VAL A 43 -6.01 3.82 -1.40
CA VAL A 43 -6.67 2.68 -0.77
C VAL A 43 -6.76 1.53 -1.77
N LEU A 44 -6.78 0.31 -1.27
CA LEU A 44 -6.88 -0.87 -2.12
C LEU A 44 -8.26 -1.49 -2.02
N GLU A 45 -8.38 -2.77 -2.37
CA GLU A 45 -9.65 -3.48 -2.30
C GLU A 45 -10.25 -3.36 -0.91
N SER A 46 -9.48 -3.81 0.08
CA SER A 46 -9.89 -3.74 1.48
C SER A 46 -8.69 -3.98 2.37
N ILE A 47 -8.09 -2.91 2.86
CA ILE A 47 -6.95 -3.03 3.74
C ILE A 47 -6.83 -1.76 4.59
N GLU A 48 -6.33 -1.92 5.80
CA GLU A 48 -6.11 -0.80 6.68
C GLU A 48 -4.67 -0.35 6.51
N ARG A 49 -4.42 0.94 6.67
CA ARG A 49 -3.08 1.47 6.52
C ARG A 49 -2.09 0.76 7.44
N ASP A 50 -2.53 0.48 8.65
CA ASP A 50 -1.68 -0.19 9.62
C ASP A 50 -1.46 -1.66 9.27
N GLU A 51 -2.46 -2.29 8.65
CA GLU A 51 -2.34 -3.70 8.27
C GLU A 51 -1.42 -3.88 7.09
N ALA A 52 -1.38 -2.88 6.21
CA ALA A 52 -0.51 -2.93 5.05
C ALA A 52 0.91 -2.73 5.51
N LYS A 53 1.08 -1.74 6.40
CA LYS A 53 2.37 -1.41 6.95
C LYS A 53 2.93 -2.59 7.75
N SER A 54 2.08 -3.19 8.57
CA SER A 54 2.49 -4.33 9.37
C SER A 54 3.00 -5.46 8.48
N LEU A 55 2.30 -5.72 7.39
CA LEU A 55 2.68 -6.77 6.45
C LEU A 55 4.08 -6.49 5.90
N ILE A 56 4.25 -5.30 5.32
CA ILE A 56 5.51 -4.91 4.72
C ILE A 56 6.64 -4.89 5.75
N GLU A 57 6.41 -4.22 6.87
CA GLU A 57 7.43 -4.12 7.93
C GLU A 57 7.80 -5.49 8.49
N ARG A 58 6.80 -6.33 8.74
CA ARG A 58 7.04 -7.67 9.26
C ARG A 58 7.87 -8.48 8.26
N TYR A 59 7.65 -8.20 6.99
CA TYR A 59 8.38 -8.88 5.93
C TYR A 59 9.72 -8.20 5.62
N GLY A 60 10.21 -7.41 6.57
CA GLY A 60 11.50 -6.76 6.41
C GLY A 60 11.50 -5.57 5.46
N GLY A 61 10.43 -5.40 4.71
CA GLY A 61 10.36 -4.31 3.77
C GLY A 61 10.07 -2.98 4.43
N LYS A 62 10.45 -1.90 3.78
CA LYS A 62 10.21 -0.57 4.30
C LYS A 62 9.04 0.06 3.56
N VAL A 63 8.30 0.92 4.25
CA VAL A 63 7.15 1.59 3.66
C VAL A 63 7.19 3.08 3.99
N THR A 64 6.95 3.89 2.99
CA THR A 64 6.94 5.34 3.15
C THR A 64 5.79 5.95 2.36
N GLY A 65 5.38 7.15 2.75
CA GLY A 65 4.28 7.81 2.08
C GLY A 65 4.71 8.69 0.93
N ASN A 66 5.66 8.20 0.14
CA ASN A 66 6.16 8.94 -1.02
C ASN A 66 7.11 8.06 -1.82
N VAL A 67 6.78 7.87 -3.09
CA VAL A 67 7.58 7.04 -3.98
C VAL A 67 9.01 7.60 -4.15
N SER A 68 9.98 6.69 -4.10
CA SER A 68 11.39 7.05 -4.23
C SER A 68 12.06 6.22 -5.33
N LYS A 69 13.33 6.51 -5.61
CA LYS A 69 14.08 5.81 -6.64
C LYS A 69 14.33 4.34 -6.29
N LYS A 70 14.09 3.98 -5.03
CA LYS A 70 14.31 2.60 -4.60
C LYS A 70 13.01 1.90 -4.26
N THR A 71 11.88 2.45 -4.69
CA THR A 71 10.58 1.84 -4.43
C THR A 71 10.38 0.59 -5.28
N ASN A 72 10.44 0.74 -6.60
CA ASN A 72 10.29 -0.37 -7.55
C ASN A 72 8.83 -0.84 -7.66
N TYR A 73 8.09 -0.87 -6.55
CA TYR A 73 6.70 -1.30 -6.56
C TYR A 73 5.81 -0.27 -5.88
N LEU A 74 4.94 0.36 -6.65
CA LEU A 74 4.02 1.35 -6.10
C LEU A 74 2.62 0.76 -5.98
N VAL A 75 2.15 0.64 -4.75
CA VAL A 75 0.82 0.09 -4.50
C VAL A 75 -0.20 1.19 -4.57
N MET A 76 -0.96 1.25 -5.65
CA MET A 76 -1.96 2.27 -5.84
C MET A 76 -3.27 1.68 -6.34
N GLY A 77 -4.28 1.71 -5.47
CA GLY A 77 -5.59 1.21 -5.85
C GLY A 77 -6.47 2.34 -6.31
N ARG A 78 -6.96 3.10 -5.34
CA ARG A 78 -7.81 4.25 -5.61
C ARG A 78 -7.20 5.47 -4.92
N ASP A 79 -6.74 6.42 -5.72
CA ASP A 79 -6.13 7.62 -5.18
C ASP A 79 -6.66 8.85 -5.92
N SER A 80 -6.19 10.01 -5.52
CA SER A 80 -6.61 11.25 -6.13
C SER A 80 -5.43 12.09 -6.59
N GLY A 81 -4.22 11.66 -6.26
CA GLY A 81 -3.05 12.42 -6.66
C GLY A 81 -2.37 11.84 -7.87
N GLN A 82 -2.48 12.51 -9.00
CA GLN A 82 -1.84 12.06 -10.23
C GLN A 82 -0.35 12.33 -10.19
N SER A 83 0.03 13.32 -9.39
CA SER A 83 1.41 13.76 -9.26
C SER A 83 2.32 12.67 -8.68
N LYS A 84 1.78 11.82 -7.82
CA LYS A 84 2.58 10.77 -7.21
C LYS A 84 2.93 9.69 -8.24
N SER A 85 1.99 9.40 -9.13
CA SER A 85 2.20 8.42 -10.17
C SER A 85 3.22 8.93 -11.17
N ASP A 86 3.26 10.25 -11.33
CA ASP A 86 4.20 10.90 -12.24
C ASP A 86 5.63 10.58 -11.83
N LYS A 87 5.93 10.71 -10.54
CA LYS A 87 7.24 10.41 -10.01
C LYS A 87 7.60 8.96 -10.30
N ALA A 88 6.68 8.07 -9.94
CA ALA A 88 6.87 6.63 -10.15
C ALA A 88 7.09 6.30 -11.63
N ALA A 89 6.34 6.98 -12.49
CA ALA A 89 6.44 6.77 -13.93
C ALA A 89 7.83 7.10 -14.43
N ALA A 90 8.39 8.20 -13.93
CA ALA A 90 9.72 8.65 -14.33
C ALA A 90 10.80 7.69 -13.85
N LEU A 91 10.58 7.08 -12.69
CA LEU A 91 11.55 6.15 -12.14
C LEU A 91 11.42 4.77 -12.77
N GLY A 92 10.25 4.49 -13.32
CA GLY A 92 10.01 3.19 -13.94
C GLY A 92 9.33 2.25 -12.97
N THR A 93 8.94 2.78 -11.83
CA THR A 93 8.27 2.01 -10.79
C THR A 93 6.93 1.49 -11.30
N LYS A 94 6.73 0.18 -11.20
CA LYS A 94 5.50 -0.46 -11.66
C LYS A 94 4.38 -0.29 -10.65
N ILE A 95 3.16 -0.12 -11.16
CA ILE A 95 1.99 0.06 -10.32
C ILE A 95 1.33 -1.28 -10.02
N ILE A 96 1.15 -1.59 -8.75
CA ILE A 96 0.53 -2.84 -8.36
C ILE A 96 -0.67 -2.60 -7.44
N ASP A 97 -1.50 -3.62 -7.30
CA ASP A 97 -2.68 -3.54 -6.45
C ASP A 97 -2.52 -4.47 -5.25
N GLU A 98 -3.61 -4.71 -4.53
CA GLU A 98 -3.58 -5.57 -3.35
C GLU A 98 -3.08 -6.95 -3.72
N ASP A 99 -3.67 -7.53 -4.78
CA ASP A 99 -3.28 -8.85 -5.24
C ASP A 99 -1.83 -8.84 -5.69
N GLY A 100 -1.41 -7.75 -6.34
CA GLY A 100 -0.04 -7.63 -6.81
C GLY A 100 0.97 -7.72 -5.68
N LEU A 101 0.68 -7.06 -4.57
CA LEU A 101 1.56 -7.08 -3.41
C LEU A 101 1.62 -8.49 -2.83
N LEU A 102 0.46 -9.13 -2.74
CA LEU A 102 0.39 -10.48 -2.21
C LEU A 102 0.95 -11.51 -3.19
N ASN A 103 0.94 -11.16 -4.48
CA ASN A 103 1.45 -12.04 -5.53
C ASN A 103 2.88 -12.48 -5.24
N LEU A 104 3.71 -11.54 -4.82
CA LEU A 104 5.10 -11.83 -4.51
C LEU A 104 5.18 -12.82 -3.34
N ILE A 105 4.41 -12.53 -2.29
CA ILE A 105 4.37 -13.36 -1.10
C ILE A 105 3.76 -14.73 -1.41
N ARG A 106 2.77 -14.73 -2.31
CA ARG A 106 2.09 -15.93 -2.72
C ARG A 106 3.01 -16.79 -3.60
N ASN A 107 3.97 -16.15 -4.24
CA ASN A 107 4.92 -16.84 -5.11
C ASN A 107 5.93 -17.63 -4.29
N LEU A 108 6.43 -17.01 -3.23
CA LEU A 108 7.42 -17.68 -2.38
C LEU A 108 6.76 -18.67 -1.42
N GLU A 109 5.71 -18.23 -0.75
CA GLU A 109 4.97 -19.06 0.21
C GLU A 109 5.87 -19.57 1.32
#